data_1JOG
#
_entry.id   1JOG
#
_cell.length_a   38.3
_cell.length_b   87.1
_cell.length_c   165.6
_cell.angle_alpha   90
_cell.angle_beta   90
_cell.angle_gamma   90
#
_symmetry.space_group_name_H-M   'P 21 21 21'
#
loop_
_entity.id
_entity.type
_entity.pdbx_description
1 polymer 'HYPOTHETICAL PROTEIN HI0074'
2 water water
#
_entity_poly.entity_id   1
_entity_poly.type   'polypeptide(L)'
_entity_poly.pdbx_seq_one_letter_code
;(MSE)(MSE)TDKLNLNVLDAAFYSLEQTVVQISDRNWFD(MSE)QPSIVQDTLIAGAIQKFEFVYELSLK(MSE)
(MSE)KRQLQQDAINTDDIGAYGFKDILREALRFGLIGD(MSE)SKWVAYRD(MSE)RNITSHTYDQEKA(MSE)AVYAQ
IDDFLIESSFLLEQLRQRNQYD
;
_entity_poly.pdbx_strand_id   A,B,C,D
#
# COMPACT_ATOMS: atom_id res chain seq x y z
N ASN A 7 -15.60 -6.78 -16.40
CA ASN A 7 -14.86 -5.52 -16.72
C ASN A 7 -14.97 -4.45 -15.61
N LEU A 8 -15.86 -4.63 -14.64
CA LEU A 8 -15.93 -3.67 -13.55
C LEU A 8 -14.58 -3.83 -12.86
N ASN A 9 -14.02 -5.03 -12.90
CA ASN A 9 -12.73 -5.25 -12.27
C ASN A 9 -11.65 -4.24 -12.62
N VAL A 10 -11.56 -3.84 -13.90
CA VAL A 10 -10.55 -2.87 -14.38
C VAL A 10 -10.72 -1.51 -13.67
N LEU A 11 -11.94 -1.00 -13.67
CA LEU A 11 -12.17 0.25 -13.02
C LEU A 11 -11.71 0.07 -11.59
N ASP A 12 -12.06 -1.07 -11.01
CA ASP A 12 -11.73 -1.34 -9.59
C ASP A 12 -10.22 -1.42 -9.35
N ALA A 13 -9.54 -2.10 -10.26
CA ALA A 13 -8.14 -2.25 -10.06
C ALA A 13 -7.31 -0.97 -10.41
N ALA A 14 -7.82 -0.13 -11.32
CA ALA A 14 -7.11 1.07 -11.73
C ALA A 14 -7.19 2.03 -10.54
N PHE A 15 -8.40 2.15 -9.99
CA PHE A 15 -8.72 2.92 -8.80
C PHE A 15 -7.83 2.59 -7.61
N TYR A 16 -7.80 1.31 -7.29
CA TYR A 16 -7.02 0.82 -6.20
C TYR A 16 -5.53 1.03 -6.45
N SER A 17 -5.09 0.79 -7.69
CA SER A 17 -3.69 1.03 -8.04
C SER A 17 -3.43 2.57 -7.89
N LEU A 18 -4.39 3.42 -8.22
CA LEU A 18 -4.09 4.86 -8.06
C LEU A 18 -3.90 5.10 -6.58
N GLU A 19 -4.90 4.67 -5.82
CA GLU A 19 -4.89 4.85 -4.37
C GLU A 19 -3.59 4.39 -3.75
N GLN A 20 -3.17 3.21 -4.14
CA GLN A 20 -1.94 2.73 -3.61
C GLN A 20 -0.74 3.62 -4.01
N THR A 21 -0.79 4.26 -5.16
CA THR A 21 0.27 5.12 -5.64
C THR A 21 0.29 6.33 -4.73
N VAL A 22 -0.91 6.87 -4.51
CA VAL A 22 -0.97 8.00 -3.64
C VAL A 22 -0.43 7.65 -2.23
N VAL A 23 -0.78 6.47 -1.71
CA VAL A 23 -0.21 6.14 -0.39
C VAL A 23 1.32 6.19 -0.32
N GLN A 24 2.02 5.58 -1.28
CA GLN A 24 3.49 5.65 -1.23
C GLN A 24 3.98 7.08 -1.32
N ILE A 25 3.29 7.90 -2.10
CA ILE A 25 3.77 9.25 -2.31
C ILE A 25 3.67 10.08 -1.05
N SER A 26 2.63 9.82 -0.26
CA SER A 26 2.33 10.49 1.02
C SER A 26 3.28 10.12 2.15
N ASP A 27 3.92 8.96 2.02
CA ASP A 27 4.97 8.50 2.95
C ASP A 27 6.15 9.52 2.77
N ARG A 28 6.03 10.68 3.36
CA ARG A 28 7.02 11.71 3.22
C ARG A 28 8.47 11.30 3.51
N ASN A 29 8.64 10.53 4.58
CA ASN A 29 9.94 10.03 4.95
C ASN A 29 10.54 9.19 3.85
N TRP A 30 9.70 8.41 3.17
CA TRP A 30 10.23 7.54 2.12
C TRP A 30 10.44 8.32 0.88
N PHE A 31 9.40 9.07 0.46
CA PHE A 31 9.42 9.95 -0.74
C PHE A 31 10.45 11.11 -0.65
N ASP A 32 10.72 11.68 0.52
CA ASP A 32 11.72 12.78 0.59
C ASP A 32 13.19 12.34 0.31
N MSE A 33 13.45 11.06 0.54
CA MSE A 33 14.74 10.41 0.38
C MSE A 33 15.12 10.06 -1.07
O MSE A 33 16.28 10.02 -1.43
CB MSE A 33 14.71 9.07 1.19
CG MSE A 33 14.79 9.17 2.71
SE MSE A 33 14.80 7.44 3.55
CE MSE A 33 16.15 6.63 2.51
N GLN A 34 14.10 9.74 -1.85
CA GLN A 34 14.26 9.29 -3.23
C GLN A 34 14.96 10.27 -4.14
N PRO A 35 15.63 9.76 -5.17
CA PRO A 35 16.24 10.81 -5.96
C PRO A 35 15.19 11.69 -6.72
N SER A 36 15.60 12.89 -7.02
CA SER A 36 14.80 13.87 -7.75
C SER A 36 13.99 13.29 -8.90
N ILE A 37 14.59 12.46 -9.75
CA ILE A 37 13.89 11.99 -10.89
C ILE A 37 12.85 10.93 -10.47
N VAL A 38 13.08 10.23 -9.35
CA VAL A 38 12.13 9.23 -8.85
C VAL A 38 10.92 10.01 -8.31
N GLN A 39 11.15 11.08 -7.57
CA GLN A 39 10.04 11.83 -7.03
C GLN A 39 9.11 12.30 -8.11
N ASP A 40 9.61 12.87 -9.21
CA ASP A 40 8.65 13.39 -10.19
C ASP A 40 8.14 12.37 -11.20
N THR A 41 8.86 11.27 -11.37
CA THR A 41 8.37 10.28 -12.29
C THR A 41 7.13 9.72 -11.61
N LEU A 42 7.19 9.62 -10.28
CA LEU A 42 6.12 9.11 -9.47
C LEU A 42 4.89 9.98 -9.49
N ILE A 43 5.11 11.27 -9.55
CA ILE A 43 3.98 12.20 -9.65
C ILE A 43 3.47 12.13 -11.06
N ALA A 44 4.37 12.04 -12.04
CA ALA A 44 4.00 11.88 -13.45
C ALA A 44 3.09 10.62 -13.54
N GLY A 45 3.52 9.53 -12.91
CA GLY A 45 2.78 8.27 -12.93
C GLY A 45 1.42 8.29 -12.27
N ALA A 46 1.34 8.94 -11.11
CA ALA A 46 0.09 9.11 -10.36
C ALA A 46 -0.88 9.91 -11.24
N ILE A 47 -0.37 10.87 -12.04
CA ILE A 47 -1.22 11.67 -12.90
C ILE A 47 -1.78 10.81 -14.07
N GLN A 48 -0.94 9.93 -14.54
CA GLN A 48 -1.28 9.01 -15.61
C GLN A 48 -2.36 8.08 -15.13
N LYS A 49 -2.24 7.69 -13.86
CA LYS A 49 -3.14 6.80 -13.27
C LYS A 49 -4.43 7.52 -13.02
N PHE A 50 -4.38 8.81 -12.69
CA PHE A 50 -5.61 9.57 -12.49
C PHE A 50 -6.44 9.61 -13.82
N GLU A 51 -5.73 9.74 -14.92
CA GLU A 51 -6.34 9.78 -16.21
C GLU A 51 -7.03 8.42 -16.45
N PHE A 52 -6.40 7.29 -16.09
CA PHE A 52 -7.06 6.00 -16.31
C PHE A 52 -8.39 5.89 -15.59
N VAL A 53 -8.43 6.19 -14.29
CA VAL A 53 -9.72 6.09 -13.56
C VAL A 53 -10.84 7.03 -14.09
N TYR A 54 -10.45 8.25 -14.40
CA TYR A 54 -11.34 9.22 -14.97
C TYR A 54 -12.03 8.66 -16.25
N GLU A 55 -11.19 8.32 -17.22
CA GLU A 55 -11.65 7.72 -18.47
C GLU A 55 -12.55 6.47 -18.23
N LEU A 56 -12.05 5.51 -17.46
CA LEU A 56 -12.77 4.28 -17.15
C LEU A 56 -14.03 4.60 -16.41
N SER A 57 -13.93 5.53 -15.45
CA SER A 57 -15.15 5.90 -14.69
C SER A 57 -16.18 6.40 -15.69
N LEU A 58 -15.77 7.18 -16.69
CA LEU A 58 -16.76 7.65 -17.62
C LEU A 58 -17.21 6.55 -18.58
N LYS A 59 -16.32 5.59 -18.87
CA LYS A 59 -16.73 4.54 -19.76
C LYS A 59 -17.81 3.75 -19.05
N MSE A 60 -17.66 3.52 -17.74
CA MSE A 60 -18.64 2.76 -16.95
C MSE A 60 -19.96 3.48 -16.81
O MSE A 60 -20.99 2.84 -16.88
CB MSE A 60 -18.09 2.45 -15.53
CG MSE A 60 -16.90 1.45 -15.57
SE MSE A 60 -17.46 -0.29 -16.29
CE MSE A 60 -16.74 -0.37 -17.88
N MSE A 61 -19.96 4.79 -16.60
CA MSE A 61 -21.23 5.45 -16.51
C MSE A 61 -21.88 5.22 -17.87
O MSE A 61 -23.07 5.07 -17.94
CB MSE A 61 -21.08 6.95 -16.32
CG MSE A 61 -20.53 7.38 -14.98
SE MSE A 61 -20.23 9.34 -15.01
CE MSE A 61 -18.79 9.05 -13.67
N LYS A 62 -21.10 5.24 -18.92
CA LYS A 62 -21.64 5.13 -20.26
C LYS A 62 -22.24 3.73 -20.45
N ARG A 63 -21.44 2.70 -20.21
CA ARG A 63 -21.97 1.38 -20.40
C ARG A 63 -23.16 1.15 -19.50
N GLN A 64 -23.21 1.83 -18.36
CA GLN A 64 -24.29 1.62 -17.41
C GLN A 64 -25.58 2.12 -18.01
N LEU A 65 -25.57 3.33 -18.54
CA LEU A 65 -26.72 3.97 -19.13
C LEU A 65 -27.10 3.33 -20.46
N GLN A 66 -26.09 2.79 -21.14
CA GLN A 66 -26.19 2.14 -22.46
C GLN A 66 -26.85 0.76 -22.40
N GLN A 67 -26.70 0.09 -21.27
CA GLN A 67 -27.24 -1.22 -21.02
C GLN A 67 -28.47 -1.10 -20.12
N ASP A 68 -28.50 -0.05 -19.31
CA ASP A 68 -29.55 0.10 -18.29
C ASP A 68 -31.00 0.11 -18.65
N ALA A 69 -31.45 1.17 -19.28
CA ALA A 69 -32.83 1.18 -19.62
C ALA A 69 -32.86 1.16 -21.16
N ILE A 70 -31.81 1.73 -21.73
CA ILE A 70 -31.64 1.85 -23.17
C ILE A 70 -31.74 0.55 -24.00
N ASN A 71 -32.58 0.58 -25.04
CA ASN A 71 -32.78 -0.55 -25.97
C ASN A 71 -31.67 -0.30 -26.96
N THR A 72 -30.48 -0.17 -26.37
CA THR A 72 -29.21 0.16 -27.04
C THR A 72 -29.40 1.18 -28.19
N ASP A 73 -29.81 2.39 -27.76
CA ASP A 73 -30.06 3.56 -28.62
C ASP A 73 -28.73 4.29 -28.86
N ASP A 74 -27.83 3.59 -29.58
CA ASP A 74 -26.48 4.07 -29.92
C ASP A 74 -26.22 5.32 -29.10
N ILE A 75 -25.86 5.17 -27.83
CA ILE A 75 -25.57 6.36 -27.04
C ILE A 75 -24.28 7.02 -27.59
N GLY A 76 -24.46 7.58 -28.79
CA GLY A 76 -23.39 8.27 -29.47
C GLY A 76 -23.93 9.68 -29.46
N ALA A 77 -25.24 9.80 -29.62
CA ALA A 77 -25.84 11.13 -29.60
C ALA A 77 -25.38 11.81 -28.33
N TYR A 78 -24.90 11.00 -27.37
CA TYR A 78 -24.42 11.49 -26.06
C TYR A 78 -22.99 11.93 -25.87
N GLY A 79 -22.82 13.18 -25.46
CA GLY A 79 -21.51 13.69 -25.17
C GLY A 79 -21.31 13.69 -23.65
N PHE A 80 -20.12 14.09 -23.24
CA PHE A 80 -19.74 14.16 -21.85
C PHE A 80 -20.88 14.47 -20.87
N LYS A 81 -21.43 15.67 -21.00
CA LYS A 81 -22.53 16.20 -20.16
C LYS A 81 -23.90 15.48 -20.13
N ASP A 82 -24.19 14.74 -21.18
CA ASP A 82 -25.42 13.97 -21.21
C ASP A 82 -25.14 12.79 -20.31
N ILE A 83 -23.97 12.18 -20.51
CA ILE A 83 -23.53 11.03 -19.71
C ILE A 83 -23.58 11.44 -18.21
N LEU A 84 -23.05 12.63 -17.89
CA LEU A 84 -23.05 13.08 -16.48
C LEU A 84 -24.47 13.31 -16.05
N ARG A 85 -25.27 14.01 -16.83
CA ARG A 85 -26.68 14.16 -16.44
C ARG A 85 -27.39 12.82 -16.19
N GLU A 86 -27.26 11.86 -17.12
CA GLU A 86 -27.91 10.55 -16.94
C GLU A 86 -27.41 9.85 -15.68
N ALA A 87 -26.10 9.84 -15.51
CA ALA A 87 -25.49 9.26 -14.33
C ALA A 87 -26.08 9.81 -13.04
N LEU A 88 -26.42 11.12 -13.01
CA LEU A 88 -27.03 11.79 -11.85
C LEU A 88 -28.46 11.24 -11.70
N ARG A 89 -29.17 11.17 -12.83
CA ARG A 89 -30.53 10.62 -12.90
C ARG A 89 -30.48 9.24 -12.26
N PHE A 90 -29.34 8.57 -12.34
CA PHE A 90 -29.25 7.26 -11.74
C PHE A 90 -28.54 7.30 -10.42
N GLY A 91 -28.23 8.51 -9.89
CA GLY A 91 -27.55 8.54 -8.58
C GLY A 91 -26.22 7.78 -8.62
N LEU A 92 -25.54 7.77 -9.80
CA LEU A 92 -24.23 7.12 -9.97
C LEU A 92 -23.17 8.12 -9.44
N ILE A 93 -23.37 9.42 -9.66
CA ILE A 93 -22.50 10.44 -9.12
C ILE A 93 -23.51 11.24 -8.37
N GLY A 94 -23.05 12.26 -7.64
CA GLY A 94 -23.98 13.08 -6.88
C GLY A 94 -23.78 14.55 -7.16
N ASP A 95 -22.61 14.88 -7.71
CA ASP A 95 -22.31 16.27 -8.06
C ASP A 95 -21.61 16.21 -9.41
N MSE A 96 -22.20 16.80 -10.43
CA MSE A 96 -21.56 16.80 -11.71
C MSE A 96 -20.62 17.98 -11.90
O MSE A 96 -19.79 17.94 -12.79
CB MSE A 96 -22.57 16.72 -12.89
CG MSE A 96 -23.63 17.81 -13.09
SE MSE A 96 -24.99 17.43 -14.52
CE MSE A 96 -24.15 18.60 -15.84
N SER A 97 -20.69 19.00 -11.05
CA SER A 97 -19.78 20.16 -11.24
C SER A 97 -18.38 19.61 -11.04
N LYS A 98 -18.28 18.66 -10.14
CA LYS A 98 -16.98 17.99 -9.91
C LYS A 98 -16.43 17.17 -11.12
N TRP A 99 -17.30 16.37 -11.75
CA TRP A 99 -16.81 15.59 -12.91
C TRP A 99 -16.51 16.54 -14.02
N VAL A 100 -17.24 17.65 -14.08
CA VAL A 100 -16.97 18.64 -15.10
C VAL A 100 -15.55 19.17 -14.87
N ALA A 101 -15.23 19.37 -13.60
CA ALA A 101 -13.91 19.88 -13.25
C ALA A 101 -12.87 18.77 -13.49
N TYR A 102 -13.20 17.50 -13.22
CA TYR A 102 -12.22 16.41 -13.49
C TYR A 102 -11.83 16.33 -15.01
N ARG A 103 -12.75 16.67 -15.89
CA ARG A 103 -12.40 16.73 -17.28
C ARG A 103 -11.45 17.95 -17.56
N ASP A 104 -11.78 19.17 -17.07
CA ASP A 104 -10.88 20.32 -17.28
C ASP A 104 -9.47 19.88 -16.76
N MSE A 105 -9.43 19.23 -15.62
CA MSE A 105 -8.20 18.69 -15.10
C MSE A 105 -7.65 17.70 -16.19
O MSE A 105 -6.49 17.85 -16.69
CB MSE A 105 -8.51 17.96 -13.80
CG MSE A 105 -7.40 17.78 -12.81
SE MSE A 105 -8.17 17.05 -11.19
CE MSE A 105 -7.06 15.47 -10.87
N ARG A 106 -8.48 16.74 -16.59
CA ARG A 106 -7.95 15.82 -17.58
C ARG A 106 -7.39 16.45 -18.83
N ASN A 107 -8.07 17.47 -19.37
CA ASN A 107 -7.64 18.21 -20.58
C ASN A 107 -6.42 19.08 -20.38
N ILE A 108 -5.81 19.15 -19.18
CA ILE A 108 -4.57 19.93 -19.05
C ILE A 108 -3.42 19.01 -18.64
N THR A 109 -3.71 17.73 -18.40
CA THR A 109 -2.63 16.84 -18.01
C THR A 109 -1.57 16.75 -19.11
N SER A 110 -1.92 17.09 -20.37
CA SER A 110 -0.90 17.09 -21.45
C SER A 110 0.09 18.22 -21.21
N HIS A 111 -0.22 19.11 -20.26
CA HIS A 111 0.72 20.21 -19.94
C HIS A 111 1.56 19.87 -18.73
N THR A 112 1.32 18.68 -18.19
CA THR A 112 2.01 18.23 -17.01
C THR A 112 3.57 18.11 -17.05
N TYR A 113 4.18 18.34 -18.22
CA TYR A 113 5.64 18.30 -18.34
C TYR A 113 6.23 19.55 -17.62
N ASP A 114 5.36 20.45 -17.22
CA ASP A 114 5.77 21.59 -16.46
C ASP A 114 5.49 21.16 -15.00
N GLN A 115 6.55 21.03 -14.21
CA GLN A 115 6.46 20.57 -12.81
C GLN A 115 5.41 21.20 -11.89
N GLU A 116 5.17 22.50 -12.08
CA GLU A 116 4.20 23.24 -11.29
C GLU A 116 2.79 22.86 -11.68
N LYS A 117 2.55 22.72 -12.98
CA LYS A 117 1.22 22.36 -13.42
C LYS A 117 0.96 20.96 -12.96
N ALA A 118 2.03 20.13 -12.95
CA ALA A 118 1.92 18.79 -12.46
C ALA A 118 1.61 18.67 -10.97
N MSE A 119 2.16 19.59 -10.16
CA MSE A 119 1.93 19.57 -8.69
C MSE A 119 0.45 19.99 -8.47
O MSE A 119 -0.27 19.46 -7.60
CB MSE A 119 2.80 20.63 -7.96
CG MSE A 119 4.34 20.34 -7.93
SE MSE A 119 4.77 18.59 -7.30
CE MSE A 119 3.80 18.36 -5.66
N ALA A 120 0.03 20.96 -9.25
CA ALA A 120 -1.31 21.49 -9.11
C ALA A 120 -2.34 20.38 -9.41
N VAL A 121 -2.08 19.57 -10.44
CA VAL A 121 -3.02 18.52 -10.75
C VAL A 121 -2.92 17.42 -9.71
N TYR A 122 -1.74 17.18 -9.19
CA TYR A 122 -1.62 16.07 -8.25
C TYR A 122 -2.34 16.38 -6.95
N ALA A 123 -2.24 17.62 -6.53
CA ALA A 123 -2.89 18.07 -5.32
C ALA A 123 -4.42 17.81 -5.37
N GLN A 124 -4.99 17.73 -6.56
CA GLN A 124 -6.43 17.55 -6.69
C GLN A 124 -6.80 16.07 -6.64
N ILE A 125 -5.80 15.18 -6.58
CA ILE A 125 -6.10 13.74 -6.62
C ILE A 125 -6.85 13.13 -5.45
N ASP A 126 -6.58 13.60 -4.23
CA ASP A 126 -7.28 13.19 -3.01
C ASP A 126 -8.82 13.32 -3.16
N ASP A 127 -9.29 14.48 -3.65
CA ASP A 127 -10.72 14.70 -3.83
C ASP A 127 -11.18 13.75 -4.92
N PHE A 128 -10.39 13.64 -5.97
CA PHE A 128 -10.78 12.76 -7.04
C PHE A 128 -10.99 11.39 -6.43
N LEU A 129 -10.09 10.98 -5.56
CA LEU A 129 -10.35 9.68 -5.00
C LEU A 129 -11.67 9.56 -4.27
N ILE A 130 -12.09 10.58 -3.53
CA ILE A 130 -13.36 10.47 -2.80
C ILE A 130 -14.52 10.28 -3.79
N GLU A 131 -14.64 11.17 -4.75
CA GLU A 131 -15.72 11.11 -5.76
C GLU A 131 -15.75 9.88 -6.61
N SER A 132 -14.56 9.54 -7.12
CA SER A 132 -14.39 8.39 -7.99
C SER A 132 -14.77 7.16 -7.19
N SER A 133 -14.35 7.10 -5.93
CA SER A 133 -14.76 5.98 -5.09
C SER A 133 -16.27 5.99 -4.84
N PHE A 134 -16.95 7.14 -4.85
CA PHE A 134 -18.37 7.01 -4.59
C PHE A 134 -19.00 6.37 -5.79
N LEU A 135 -18.62 6.81 -6.98
CA LEU A 135 -19.14 6.27 -8.21
C LEU A 135 -19.00 4.77 -8.24
N LEU A 136 -17.80 4.31 -7.95
CA LEU A 136 -17.53 2.88 -7.95
C LEU A 136 -18.44 2.19 -6.96
N GLU A 137 -18.85 2.89 -5.90
CA GLU A 137 -19.77 2.33 -4.88
C GLU A 137 -21.16 2.08 -5.52
N GLN A 138 -21.73 3.12 -6.11
CA GLN A 138 -23.01 2.96 -6.76
C GLN A 138 -22.95 1.88 -7.84
N LEU A 139 -21.89 1.86 -8.65
CA LEU A 139 -21.81 0.85 -9.71
C LEU A 139 -21.65 -0.52 -9.17
N ARG A 140 -21.13 -0.62 -7.93
CA ARG A 140 -20.91 -1.94 -7.32
C ARG A 140 -22.27 -2.62 -7.21
N GLN A 141 -23.29 -1.85 -6.84
CA GLN A 141 -24.65 -2.36 -6.83
C GLN A 141 -25.15 -2.51 -8.32
N ASN B 7 10.51 27.94 -26.11
CA ASN B 7 9.77 26.70 -26.50
C ASN B 7 10.67 25.51 -26.78
N LEU B 8 11.41 25.51 -27.88
CA LEU B 8 12.29 24.38 -28.09
C LEU B 8 13.00 23.92 -26.77
N ASN B 9 13.14 24.82 -25.80
CA ASN B 9 13.77 24.50 -24.49
C ASN B 9 12.93 23.50 -23.74
N VAL B 10 11.61 23.67 -23.89
CA VAL B 10 10.64 22.84 -23.24
C VAL B 10 10.72 21.41 -23.72
N LEU B 11 10.78 21.23 -25.03
CA LEU B 11 10.89 19.88 -25.58
C LEU B 11 12.23 19.32 -25.10
N ASP B 12 13.21 20.21 -25.07
CA ASP B 12 14.53 19.85 -24.61
C ASP B 12 14.50 19.42 -23.11
N ALA B 13 13.80 20.18 -22.26
CA ALA B 13 13.71 19.79 -20.84
C ALA B 13 12.93 18.47 -20.79
N ALA B 14 11.83 18.39 -21.54
CA ALA B 14 11.04 17.15 -21.51
C ALA B 14 11.84 15.94 -22.07
N PHE B 15 12.74 16.13 -23.04
CA PHE B 15 13.49 14.96 -23.58
C PHE B 15 14.40 14.41 -22.48
N TYR B 16 15.07 15.30 -21.78
CA TYR B 16 16.01 14.90 -20.74
C TYR B 16 15.35 14.20 -19.55
N SER B 17 14.24 14.77 -19.12
CA SER B 17 13.51 14.17 -18.02
C SER B 17 13.14 12.76 -18.41
N LEU B 18 12.78 12.51 -19.71
CA LEU B 18 12.39 11.14 -20.14
C LEU B 18 13.65 10.27 -20.09
N GLU B 19 14.70 10.80 -20.68
CA GLU B 19 15.98 10.11 -20.71
C GLU B 19 16.39 9.82 -19.29
N GLN B 20 16.37 10.83 -18.43
CA GLN B 20 16.78 10.58 -17.07
C GLN B 20 15.93 9.49 -16.45
N THR B 21 14.64 9.54 -16.72
CA THR B 21 13.74 8.56 -16.13
C THR B 21 14.11 7.17 -16.59
N VAL B 22 14.39 6.93 -17.88
CA VAL B 22 14.71 5.56 -18.31
C VAL B 22 15.98 5.06 -17.66
N VAL B 23 16.85 6.01 -17.40
CA VAL B 23 18.11 5.70 -16.76
C VAL B 23 17.79 5.10 -15.37
N GLN B 24 17.08 5.84 -14.51
CA GLN B 24 16.81 5.28 -13.21
C GLN B 24 16.16 3.91 -13.28
N ILE B 25 15.15 3.75 -14.13
CA ILE B 25 14.47 2.47 -14.29
C ILE B 25 15.45 1.40 -14.81
N SER B 26 16.39 1.85 -15.63
CA SER B 26 17.40 0.92 -16.17
C SER B 26 18.30 0.35 -15.08
N ASP B 27 18.70 1.19 -14.14
CA ASP B 27 19.56 0.75 -13.02
C ASP B 27 18.91 -0.44 -12.33
N ARG B 28 18.84 -1.59 -13.00
CA ARG B 28 18.19 -2.81 -12.50
C ARG B 28 18.47 -3.22 -11.08
N ASN B 29 19.44 -2.60 -10.45
CA ASN B 29 19.70 -3.02 -9.10
C ASN B 29 18.71 -2.41 -8.13
N TRP B 30 18.52 -1.10 -8.31
CA TRP B 30 17.64 -0.27 -7.50
C TRP B 30 16.19 -0.46 -7.87
N PHE B 31 15.94 -0.83 -9.11
CA PHE B 31 14.58 -0.98 -9.55
C PHE B 31 13.98 -2.26 -9.03
N ASP B 32 14.73 -3.35 -9.06
CA ASP B 32 14.20 -4.62 -8.58
C ASP B 32 14.02 -4.69 -7.07
N MSE B 33 14.73 -3.84 -6.37
CA MSE B 33 14.65 -3.74 -4.91
C MSE B 33 13.26 -3.18 -4.51
O MSE B 33 12.62 -3.69 -3.59
CB MSE B 33 15.71 -2.74 -4.48
CG MSE B 33 16.35 -2.91 -3.13
SE MSE B 33 18.21 -3.17 -3.51
CE MSE B 33 17.98 -4.77 -4.58
N GLN B 34 12.81 -2.11 -5.20
CA GLN B 34 11.55 -1.40 -4.93
C GLN B 34 10.28 -2.18 -4.93
N PRO B 35 9.40 -1.82 -4.02
CA PRO B 35 8.10 -2.48 -3.94
C PRO B 35 7.48 -2.50 -5.35
N SER B 36 6.62 -3.45 -5.64
CA SER B 36 6.00 -3.48 -6.96
C SER B 36 5.21 -2.21 -7.35
N ILE B 37 4.56 -1.53 -6.41
CA ILE B 37 3.78 -0.36 -6.74
C ILE B 37 4.65 0.80 -7.14
N VAL B 38 5.85 0.88 -6.57
CA VAL B 38 6.82 1.93 -6.96
C VAL B 38 7.28 1.66 -8.39
N GLN B 39 7.60 0.39 -8.70
CA GLN B 39 7.95 0.04 -10.05
C GLN B 39 6.82 0.38 -11.04
N ASP B 40 5.61 -0.10 -10.78
CA ASP B 40 4.64 0.20 -11.85
C ASP B 40 4.31 1.67 -11.98
N THR B 41 4.51 2.45 -10.91
CA THR B 41 4.23 3.89 -11.02
C THR B 41 5.30 4.55 -11.88
N LEU B 42 6.55 4.18 -11.68
CA LEU B 42 7.63 4.72 -12.52
C LEU B 42 7.32 4.33 -13.98
N ILE B 43 7.01 3.05 -14.27
CA ILE B 43 6.67 2.75 -15.69
C ILE B 43 5.62 3.73 -16.26
N ALA B 44 4.52 3.88 -15.52
CA ALA B 44 3.39 4.81 -15.92
C ALA B 44 3.93 6.25 -16.08
N GLY B 45 4.74 6.71 -15.10
CA GLY B 45 5.31 8.06 -15.21
C GLY B 45 6.20 8.11 -16.45
N ALA B 46 6.88 7.01 -16.76
CA ALA B 46 7.69 7.03 -18.00
C ALA B 46 6.82 7.08 -19.29
N ILE B 47 5.69 6.37 -19.24
CA ILE B 47 4.78 6.38 -20.39
C ILE B 47 4.24 7.78 -20.49
N GLN B 48 3.88 8.38 -19.36
CA GLN B 48 3.43 9.78 -19.43
C GLN B 48 4.52 10.72 -20.01
N LYS B 49 5.81 10.51 -19.63
CA LYS B 49 6.87 11.41 -20.14
C LYS B 49 7.18 11.19 -21.63
N PHE B 50 6.86 9.99 -22.09
CA PHE B 50 7.02 9.58 -23.49
C PHE B 50 6.02 10.40 -24.33
N GLU B 51 4.76 10.33 -23.87
CA GLU B 51 3.67 11.12 -24.45
C GLU B 51 4.04 12.62 -24.60
N PHE B 52 4.59 13.22 -23.54
CA PHE B 52 4.97 14.63 -23.65
C PHE B 52 5.96 14.92 -24.77
N VAL B 53 7.05 14.15 -24.83
CA VAL B 53 8.12 14.31 -25.85
C VAL B 53 7.50 14.02 -27.24
N TYR B 54 6.74 12.94 -27.34
CA TYR B 54 6.08 12.67 -28.59
C TYR B 54 5.21 13.83 -29.06
N GLU B 55 4.28 14.29 -28.17
CA GLU B 55 3.33 15.42 -28.53
C GLU B 55 4.14 16.71 -28.71
N LEU B 56 5.12 16.98 -27.84
CA LEU B 56 5.91 18.23 -28.05
C LEU B 56 6.71 18.19 -29.39
N SER B 57 7.22 16.99 -29.72
CA SER B 57 7.95 16.77 -30.93
C SER B 57 7.11 17.07 -32.12
N LEU B 58 5.87 16.56 -32.16
CA LEU B 58 5.04 16.88 -33.32
C LEU B 58 4.88 18.40 -33.46
N LYS B 59 4.58 19.06 -32.37
CA LYS B 59 4.32 20.49 -32.50
C LYS B 59 5.56 21.26 -32.94
N MSE B 60 6.73 20.98 -32.36
CA MSE B 60 7.92 21.66 -32.82
C MSE B 60 8.19 21.33 -34.31
O MSE B 60 8.53 22.20 -35.09
CB MSE B 60 9.04 21.23 -31.92
CG MSE B 60 8.82 21.75 -30.49
SE MSE B 60 8.63 23.70 -30.47
CE MSE B 60 6.84 23.90 -30.93
N MSE B 61 8.02 20.07 -34.66
CA MSE B 61 8.18 19.60 -36.02
C MSE B 61 7.17 20.34 -36.90
O MSE B 61 7.55 20.79 -37.99
CB MSE B 61 7.91 18.07 -36.05
CG MSE B 61 8.13 17.40 -37.37
SE MSE B 61 7.58 15.54 -37.46
CE MSE B 61 8.74 14.93 -36.06
N LYS B 62 5.91 20.46 -36.48
CA LYS B 62 4.91 21.15 -37.36
C LYS B 62 5.31 22.59 -37.57
N ARG B 63 5.76 23.23 -36.49
CA ARG B 63 6.24 24.61 -36.51
C ARG B 63 7.46 24.82 -37.47
N GLN B 64 8.46 23.93 -37.44
CA GLN B 64 9.61 24.11 -38.33
C GLN B 64 9.08 24.00 -39.71
N LEU B 65 8.26 22.98 -39.93
CA LEU B 65 7.66 22.82 -41.23
C LEU B 65 6.97 24.09 -41.74
N GLN B 66 6.15 24.72 -40.92
CA GLN B 66 5.45 25.91 -41.33
C GLN B 66 6.38 27.08 -41.60
N GLN B 67 7.51 27.12 -40.91
CA GLN B 67 8.46 28.20 -41.12
C GLN B 67 9.24 28.04 -42.41
N ASP B 68 9.32 26.81 -42.93
CA ASP B 68 10.08 26.55 -44.14
C ASP B 68 9.26 26.31 -45.39
N ALA B 69 7.94 26.35 -45.26
CA ALA B 69 7.15 26.06 -46.43
C ALA B 69 6.71 27.24 -47.28
N ILE B 70 6.26 26.86 -48.45
CA ILE B 70 5.77 27.77 -49.45
C ILE B 70 4.50 28.37 -48.88
N ASN B 71 3.88 27.66 -47.94
CA ASN B 71 2.65 28.10 -47.29
C ASN B 71 2.20 27.13 -46.20
N THR B 72 1.54 27.68 -45.18
CA THR B 72 1.01 26.90 -44.06
C THR B 72 -0.40 26.35 -44.41
N ASP B 73 -1.08 26.93 -45.38
CA ASP B 73 -2.41 26.44 -45.74
C ASP B 73 -2.31 24.98 -46.12
N ASP B 74 -1.34 24.65 -46.98
CA ASP B 74 -1.14 23.27 -47.40
C ASP B 74 -1.25 22.29 -46.23
N ILE B 75 -0.12 21.81 -45.68
CA ILE B 75 -0.24 20.90 -44.53
C ILE B 75 0.02 21.54 -43.16
N GLY B 76 -1.05 21.55 -42.38
CA GLY B 76 -1.09 22.10 -41.03
C GLY B 76 -2.55 21.87 -40.68
N ALA B 77 -3.32 21.54 -41.71
CA ALA B 77 -4.74 21.24 -41.59
C ALA B 77 -4.82 19.88 -42.32
N TYR B 78 -3.64 19.42 -42.78
CA TYR B 78 -3.48 18.09 -43.45
C TYR B 78 -2.74 17.00 -42.61
N GLY B 79 -2.93 15.76 -43.07
CA GLY B 79 -2.46 14.52 -42.45
C GLY B 79 -1.13 14.29 -41.74
N PHE B 80 -1.16 13.32 -40.82
CA PHE B 80 -0.02 12.92 -40.06
C PHE B 80 1.06 12.51 -41.00
N LYS B 81 0.73 11.52 -41.84
CA LYS B 81 1.68 10.99 -42.82
C LYS B 81 2.30 12.09 -43.66
N ASP B 82 1.49 13.07 -44.07
CA ASP B 82 2.01 14.17 -44.88
C ASP B 82 2.98 15.02 -44.11
N ILE B 83 2.76 15.12 -42.80
CA ILE B 83 3.61 15.89 -41.92
C ILE B 83 4.91 15.11 -41.93
N LEU B 84 4.85 13.82 -41.74
CA LEU B 84 6.07 13.00 -41.75
C LEU B 84 6.94 13.08 -43.05
N ARG B 85 6.33 12.73 -44.18
CA ARG B 85 7.02 12.78 -45.48
C ARG B 85 7.75 14.10 -45.63
N GLU B 86 7.06 15.18 -45.28
CA GLU B 86 7.61 16.50 -45.43
C GLU B 86 8.73 16.73 -44.44
N ALA B 87 8.57 16.15 -43.27
CA ALA B 87 9.55 16.29 -42.19
C ALA B 87 10.79 15.51 -42.59
N LEU B 88 10.54 14.51 -43.42
CA LEU B 88 11.58 13.62 -43.90
C LEU B 88 12.38 14.32 -44.99
N ARG B 89 11.63 15.03 -45.84
CA ARG B 89 12.19 15.77 -46.95
C ARG B 89 13.17 16.81 -46.38
N PHE B 90 12.73 17.66 -45.45
CA PHE B 90 13.66 18.63 -44.88
C PHE B 90 14.67 18.00 -43.94
N GLY B 91 14.77 16.67 -43.89
CA GLY B 91 15.77 16.06 -43.03
C GLY B 91 15.60 16.24 -41.52
N LEU B 92 14.35 16.37 -41.09
CA LEU B 92 14.02 16.56 -39.69
C LEU B 92 14.02 15.27 -38.90
N ILE B 93 13.86 14.18 -39.61
CA ILE B 93 13.78 12.86 -39.02
C ILE B 93 14.52 11.93 -39.92
N GLY B 94 14.76 10.72 -39.46
CA GLY B 94 15.44 9.85 -40.36
C GLY B 94 14.58 8.72 -40.85
N ASP B 95 13.50 8.41 -40.15
CA ASP B 95 12.73 7.22 -40.52
C ASP B 95 11.25 7.34 -40.16
N MSE B 96 10.46 7.88 -41.06
CA MSE B 96 9.04 8.03 -40.79
C MSE B 96 8.39 6.73 -40.39
O MSE B 96 7.24 6.73 -39.98
CB MSE B 96 8.29 8.65 -41.97
CG MSE B 96 8.23 7.83 -43.23
SE MSE B 96 7.30 8.85 -44.64
CE MSE B 96 5.81 7.64 -44.63
N SER B 97 9.08 5.60 -40.47
CA SER B 97 8.41 4.42 -40.01
C SER B 97 8.53 4.36 -38.53
N LYS B 98 9.55 4.97 -37.95
CA LYS B 98 9.62 4.92 -36.48
C LYS B 98 8.38 5.73 -35.91
N TRP B 99 8.13 6.90 -36.50
CA TRP B 99 7.02 7.76 -36.08
C TRP B 99 5.59 7.32 -36.31
N VAL B 100 5.38 6.56 -37.39
CA VAL B 100 4.08 6.01 -37.67
C VAL B 100 3.86 5.06 -36.45
N ALA B 101 4.93 4.35 -36.09
CA ALA B 101 4.91 3.42 -34.99
C ALA B 101 4.62 4.24 -33.70
N TYR B 102 5.39 5.30 -33.46
CA TYR B 102 5.19 6.14 -32.28
C TYR B 102 3.76 6.63 -32.08
N ARG B 103 3.11 6.96 -33.20
CA ARG B 103 1.73 7.42 -33.09
C ARG B 103 0.84 6.25 -32.69
N ASP B 104 1.16 5.07 -33.20
CA ASP B 104 0.40 3.87 -32.85
C ASP B 104 0.52 3.61 -31.33
N MSE B 105 1.73 3.88 -30.85
CA MSE B 105 2.12 3.72 -29.47
C MSE B 105 1.31 4.71 -28.65
O MSE B 105 0.62 4.34 -27.71
CB MSE B 105 3.60 4.05 -29.34
CG MSE B 105 4.53 2.96 -28.76
SE MSE B 105 6.38 3.68 -28.86
CE MSE B 105 6.55 4.52 -27.09
N ARG B 106 1.40 5.98 -29.01
CA ARG B 106 0.67 6.99 -28.27
C ARG B 106 -0.81 6.81 -28.24
N ASN B 107 -1.35 6.30 -29.34
CA ASN B 107 -2.80 6.07 -29.38
C ASN B 107 -3.28 4.96 -28.48
N ILE B 108 -2.36 4.21 -27.89
CA ILE B 108 -2.81 3.15 -27.00
C ILE B 108 -2.31 3.34 -25.58
N THR B 109 -1.56 4.39 -25.33
CA THR B 109 -1.10 4.62 -23.95
C THR B 109 -2.31 4.72 -23.00
N SER B 110 -3.45 5.12 -23.51
CA SER B 110 -4.66 5.16 -22.69
C SER B 110 -5.11 3.73 -22.35
N HIS B 111 -4.38 2.71 -22.79
CA HIS B 111 -4.77 1.35 -22.42
C HIS B 111 -3.79 0.78 -21.41
N THR B 112 -2.78 1.59 -21.15
CA THR B 112 -1.71 1.29 -20.22
C THR B 112 -2.10 0.89 -18.76
N TYR B 113 -3.38 0.83 -18.38
CA TYR B 113 -3.64 0.42 -16.99
C TYR B 113 -3.42 -1.07 -16.93
N ASP B 114 -3.44 -1.69 -18.10
CA ASP B 114 -3.17 -3.11 -18.25
C ASP B 114 -1.64 -3.21 -18.24
N GLN B 115 -1.06 -3.90 -17.25
CA GLN B 115 0.40 -3.97 -17.15
C GLN B 115 1.18 -4.50 -18.37
N GLU B 116 0.67 -5.52 -19.03
CA GLU B 116 1.30 -6.05 -20.21
C GLU B 116 1.43 -4.92 -21.20
N LYS B 117 0.28 -4.34 -21.51
CA LYS B 117 0.27 -3.24 -22.44
C LYS B 117 1.31 -2.16 -21.98
N ALA B 118 1.45 -1.95 -20.66
CA ALA B 118 2.40 -0.96 -20.22
C ALA B 118 3.84 -1.40 -20.59
N MSE B 119 4.11 -2.71 -20.41
CA MSE B 119 5.42 -3.32 -20.71
C MSE B 119 5.72 -3.13 -22.17
O MSE B 119 6.84 -2.68 -22.58
CB MSE B 119 5.40 -4.83 -20.39
CG MSE B 119 6.48 -5.32 -19.39
SE MSE B 119 6.15 -4.74 -17.49
CE MSE B 119 7.32 -3.16 -17.43
N ALA B 120 4.73 -3.45 -22.98
CA ALA B 120 4.85 -3.27 -24.43
C ALA B 120 5.25 -1.83 -24.78
N VAL B 121 4.62 -0.81 -24.18
CA VAL B 121 5.03 0.57 -24.58
C VAL B 121 6.45 0.90 -24.06
N TYR B 122 6.70 0.57 -22.79
CA TYR B 122 8.02 0.84 -22.21
C TYR B 122 9.14 0.18 -23.02
N ALA B 123 8.90 -1.01 -23.59
CA ALA B 123 9.98 -1.75 -24.32
C ALA B 123 10.42 -0.89 -25.50
N GLN B 124 9.49 -0.14 -26.08
CA GLN B 124 9.80 0.67 -27.26
C GLN B 124 10.39 2.01 -26.92
N ILE B 125 10.49 2.37 -25.64
CA ILE B 125 10.99 3.70 -25.39
C ILE B 125 12.45 3.99 -25.69
N ASP B 126 13.33 3.03 -25.44
CA ASP B 126 14.75 3.26 -25.73
C ASP B 126 15.02 3.62 -27.18
N ASP B 127 14.32 2.96 -28.09
CA ASP B 127 14.47 3.26 -29.48
C ASP B 127 13.95 4.67 -29.59
N PHE B 128 12.72 4.86 -29.09
CA PHE B 128 12.06 6.17 -29.15
C PHE B 128 13.06 7.29 -28.83
N LEU B 129 13.79 7.15 -27.73
CA LEU B 129 14.76 8.20 -27.38
C LEU B 129 15.73 8.53 -28.53
N ILE B 130 16.09 7.52 -29.33
CA ILE B 130 17.04 7.71 -30.47
C ILE B 130 16.50 8.70 -31.49
N GLU B 131 15.42 8.33 -32.18
CA GLU B 131 14.80 9.27 -33.14
C GLU B 131 14.53 10.66 -32.61
N SER B 132 13.83 10.73 -31.49
CA SER B 132 13.46 12.03 -30.96
C SER B 132 14.77 12.80 -30.69
N SER B 133 15.79 12.10 -30.24
CA SER B 133 17.07 12.75 -30.06
C SER B 133 17.51 13.37 -31.38
N PHE B 134 17.40 12.58 -32.43
CA PHE B 134 17.80 13.08 -33.72
C PHE B 134 16.97 14.27 -34.08
N LEU B 135 15.64 14.09 -33.97
CA LEU B 135 14.69 15.14 -34.31
C LEU B 135 15.05 16.51 -33.72
N LEU B 136 15.22 16.49 -32.41
CA LEU B 136 15.55 17.66 -31.63
C LEU B 136 16.92 18.27 -32.08
N GLU B 137 17.91 17.43 -32.39
CA GLU B 137 19.22 17.93 -32.83
C GLU B 137 18.97 18.77 -34.06
N GLN B 138 18.20 18.20 -34.97
CA GLN B 138 17.84 18.89 -36.19
C GLN B 138 17.22 20.22 -35.84
N LEU B 139 16.19 20.18 -35.00
CA LEU B 139 15.53 21.40 -34.61
C LEU B 139 16.52 22.41 -33.97
N ARG B 140 17.46 22.01 -33.10
CA ARG B 140 18.42 22.98 -32.53
C ARG B 140 19.04 23.85 -33.66
N GLN B 141 19.36 23.22 -34.79
CA GLN B 141 19.90 23.92 -35.97
C GLN B 141 18.78 24.65 -36.83
N ASN C 7 -11.26 7.14 19.02
CA ASN C 7 -11.49 5.71 19.33
C ASN C 7 -12.14 4.87 18.21
N LEU C 8 -13.16 5.41 17.55
CA LEU C 8 -13.78 4.67 16.43
C LEU C 8 -12.73 4.95 15.35
N ASN C 9 -12.03 6.03 15.61
CA ASN C 9 -10.97 6.53 14.79
C ASN C 9 -9.77 5.62 14.77
N VAL C 10 -9.46 5.10 15.95
CA VAL C 10 -8.32 4.19 16.14
C VAL C 10 -8.59 2.90 15.40
N LEU C 11 -9.82 2.38 15.49
CA LEU C 11 -10.09 1.16 14.77
C LEU C 11 -9.77 1.44 13.33
N ASP C 12 -10.24 2.59 12.84
CA ASP C 12 -9.99 2.99 11.47
C ASP C 12 -8.52 2.84 11.13
N ALA C 13 -7.71 3.66 11.79
CA ALA C 13 -6.27 3.70 11.56
C ALA C 13 -5.66 2.32 11.75
N ALA C 14 -6.09 1.63 12.81
CA ALA C 14 -5.57 0.27 13.05
C ALA C 14 -5.80 -0.68 11.87
N PHE C 15 -7.06 -0.89 11.52
CA PHE C 15 -7.46 -1.81 10.43
C PHE C 15 -6.82 -1.41 9.15
N TYR C 16 -6.68 -0.11 9.02
CA TYR C 16 -6.08 0.47 7.86
C TYR C 16 -4.61 0.14 7.77
N SER C 17 -3.93 0.20 8.92
CA SER C 17 -2.50 -0.09 9.02
C SER C 17 -2.33 -1.57 8.77
N LEU C 18 -3.26 -2.38 9.26
CA LEU C 18 -3.22 -3.80 8.98
C LEU C 18 -3.40 -4.06 7.47
N GLU C 19 -4.27 -3.29 6.81
CA GLU C 19 -4.47 -3.62 5.39
C GLU C 19 -3.24 -3.32 4.55
N GLN C 20 -2.69 -2.13 4.76
CA GLN C 20 -1.48 -1.75 4.08
C GLN C 20 -0.42 -2.87 4.20
N THR C 21 -0.29 -3.48 5.39
CA THR C 21 0.68 -4.56 5.68
C THR C 21 0.40 -5.79 4.86
N VAL C 22 -0.88 -6.16 4.70
CA VAL C 22 -1.18 -7.35 3.89
C VAL C 22 -0.80 -7.02 2.42
N VAL C 23 -1.19 -5.83 1.95
CA VAL C 23 -0.78 -5.46 0.60
C VAL C 23 0.68 -5.72 0.39
N GLN C 24 1.51 -5.20 1.29
CA GLN C 24 2.92 -5.39 1.04
C GLN C 24 3.39 -6.80 1.03
N ILE C 25 2.93 -7.61 1.99
CA ILE C 25 3.39 -8.99 1.98
C ILE C 25 2.85 -9.70 0.72
N SER C 26 1.62 -9.36 0.31
CA SER C 26 0.96 -9.87 -0.90
C SER C 26 1.91 -9.65 -2.11
N ASP C 27 2.62 -8.52 -2.15
CA ASP C 27 3.57 -8.23 -3.23
C ASP C 27 4.60 -9.35 -3.28
N ARG C 28 4.14 -10.45 -3.80
CA ARG C 28 4.98 -11.63 -3.90
C ARG C 28 6.44 -11.33 -4.23
N ASN C 29 6.65 -10.69 -5.36
CA ASN C 29 7.98 -10.36 -5.83
C ASN C 29 8.85 -9.58 -4.88
N TRP C 30 8.29 -8.52 -4.33
CA TRP C 30 9.06 -7.73 -3.42
C TRP C 30 9.40 -8.59 -2.21
N PHE C 31 8.36 -9.30 -1.73
CA PHE C 31 8.44 -10.16 -0.52
C PHE C 31 9.61 -11.10 -0.45
N ASP C 32 9.71 -11.94 -1.47
CA ASP C 32 10.78 -12.94 -1.58
C ASP C 32 12.22 -12.44 -1.58
N MSE C 33 12.47 -11.37 -2.31
CA MSE C 33 13.81 -10.81 -2.34
C MSE C 33 14.28 -10.53 -0.93
O MSE C 33 15.44 -10.24 -0.67
CB MSE C 33 13.77 -9.50 -3.11
CG MSE C 33 14.23 -9.67 -4.51
SE MSE C 33 13.86 -8.12 -5.45
CE MSE C 33 15.12 -6.92 -4.53
N GLN C 34 13.35 -10.61 -0.01
CA GLN C 34 13.76 -10.27 1.32
C GLN C 34 14.39 -11.45 2.00
N PRO C 35 15.44 -11.16 2.79
CA PRO C 35 16.14 -12.18 3.56
C PRO C 35 15.06 -12.88 4.38
N SER C 36 15.30 -14.15 4.67
CA SER C 36 14.42 -15.01 5.46
C SER C 36 13.88 -14.38 6.80
N ILE C 37 14.72 -13.62 7.50
CA ILE C 37 14.24 -12.98 8.70
C ILE C 37 13.24 -11.85 8.46
N VAL C 38 13.52 -10.93 7.52
CA VAL C 38 12.59 -9.81 7.26
C VAL C 38 11.28 -10.43 6.89
N GLN C 39 11.39 -11.52 6.16
CA GLN C 39 10.18 -12.20 5.75
C GLN C 39 9.29 -12.67 6.94
N ASP C 40 9.87 -13.42 7.89
CA ASP C 40 9.08 -13.97 9.00
C ASP C 40 8.81 -12.93 10.03
N THR C 41 9.62 -11.87 10.03
CA THR C 41 9.33 -10.81 10.97
C THR C 41 8.08 -10.08 10.41
N LEU C 42 8.03 -9.83 9.11
CA LEU C 42 6.89 -9.16 8.55
C LEU C 42 5.64 -9.94 8.87
N ILE C 43 5.70 -11.24 8.68
CA ILE C 43 4.56 -12.12 9.01
C ILE C 43 4.12 -11.88 10.48
N ALA C 44 5.10 -11.76 11.39
CA ALA C 44 4.80 -11.54 12.82
C ALA C 44 4.16 -10.19 13.05
N GLY C 45 4.63 -9.17 12.34
CA GLY C 45 4.02 -7.86 12.46
C GLY C 45 2.55 -7.96 12.01
N ALA C 46 2.27 -8.61 10.90
CA ALA C 46 0.89 -8.78 10.44
C ALA C 46 0.00 -9.35 11.56
N ILE C 47 0.44 -10.50 12.10
CA ILE C 47 -0.25 -11.22 13.19
C ILE C 47 -0.47 -10.26 14.34
N GLN C 48 0.59 -9.54 14.68
CA GLN C 48 0.52 -8.54 15.70
C GLN C 48 -0.60 -7.56 15.44
N LYS C 49 -0.70 -7.09 14.20
CA LYS C 49 -1.69 -6.09 13.86
C LYS C 49 -3.10 -6.65 13.83
N PHE C 50 -3.27 -7.87 13.33
CA PHE C 50 -4.54 -8.49 13.34
C PHE C 50 -4.99 -8.53 14.79
N GLU C 51 -4.08 -8.93 15.67
CA GLU C 51 -4.41 -9.00 17.09
C GLU C 51 -5.02 -7.69 17.55
N PHE C 52 -4.38 -6.55 17.33
CA PHE C 52 -4.99 -5.27 17.72
C PHE C 52 -6.40 -5.14 17.08
N VAL C 53 -6.50 -5.40 15.77
CA VAL C 53 -7.76 -5.28 15.05
C VAL C 53 -8.82 -6.15 15.63
N TYR C 54 -8.51 -7.43 15.80
CA TYR C 54 -9.45 -8.41 16.36
C TYR C 54 -9.91 -7.99 17.70
N GLU C 55 -9.01 -7.43 18.47
CA GLU C 55 -9.34 -7.01 19.80
C GLU C 55 -10.19 -5.77 19.75
N LEU C 56 -9.75 -4.77 19.02
CA LEU C 56 -10.48 -3.53 18.99
C LEU C 56 -11.88 -3.71 18.41
N SER C 57 -11.99 -4.55 17.38
CA SER C 57 -13.26 -4.79 16.72
C SER C 57 -14.25 -5.25 17.74
N LEU C 58 -13.84 -6.24 18.52
CA LEU C 58 -14.68 -6.79 19.56
C LEU C 58 -15.20 -5.77 20.53
N LYS C 59 -14.33 -4.92 21.07
CA LYS C 59 -14.79 -3.92 22.04
C LYS C 59 -15.89 -3.08 21.45
N MSE C 60 -15.61 -2.55 20.26
CA MSE C 60 -16.55 -1.72 19.53
C MSE C 60 -17.83 -2.56 19.33
O MSE C 60 -18.93 -2.12 19.69
CB MSE C 60 -15.89 -1.30 18.21
CG MSE C 60 -14.55 -0.57 18.36
SE MSE C 60 -14.65 1.31 19.04
CE MSE C 60 -14.55 0.87 20.95
N MSE C 61 -17.70 -3.78 18.80
CA MSE C 61 -18.86 -4.67 18.60
C MSE C 61 -19.71 -4.74 19.89
O MSE C 61 -20.95 -4.70 19.85
CB MSE C 61 -18.37 -6.06 18.22
CG MSE C 61 -19.43 -7.05 17.90
SE MSE C 61 -18.68 -8.78 17.34
CE MSE C 61 -17.51 -8.12 15.92
N LYS C 62 -19.02 -4.84 21.03
CA LYS C 62 -19.65 -4.93 22.34
C LYS C 62 -20.24 -3.57 22.70
N ARG C 63 -19.42 -2.53 22.71
CA ARG C 63 -19.94 -1.21 23.04
C ARG C 63 -21.19 -0.83 22.17
N GLN C 64 -21.16 -1.20 20.89
CA GLN C 64 -22.27 -0.89 20.01
C GLN C 64 -23.53 -1.71 20.34
N LEU C 65 -23.37 -2.95 20.79
CA LEU C 65 -24.54 -3.76 21.14
C LEU C 65 -25.00 -3.29 22.52
N GLN C 66 -24.40 -2.18 22.99
CA GLN C 66 -24.70 -1.52 24.28
C GLN C 66 -25.65 -0.39 23.97
N GLN C 67 -25.14 0.57 23.22
CA GLN C 67 -25.92 1.73 22.77
C GLN C 67 -27.24 1.27 22.11
N ASP C 68 -27.22 0.06 21.50
CA ASP C 68 -28.40 -0.51 20.80
C ASP C 68 -29.56 -0.81 21.72
N ALA C 69 -29.31 -0.94 23.02
CA ALA C 69 -30.39 -1.12 23.99
C ALA C 69 -29.78 -0.53 25.24
N ILE C 70 -30.00 0.76 25.41
CA ILE C 70 -29.48 1.51 26.56
C ILE C 70 -30.29 1.06 27.78
N ASN C 71 -31.15 0.09 27.51
CA ASN C 71 -32.03 -0.49 28.50
C ASN C 71 -31.33 -1.56 29.35
N THR C 72 -30.28 -2.18 28.78
CA THR C 72 -29.46 -3.24 29.44
C THR C 72 -27.95 -3.05 29.09
N ASP C 73 -27.51 -1.79 29.15
CA ASP C 73 -26.13 -1.39 28.79
C ASP C 73 -24.87 -2.07 29.36
N ASP C 74 -24.81 -2.35 30.67
CA ASP C 74 -23.59 -2.96 31.20
C ASP C 74 -23.31 -4.36 30.58
N ILE C 75 -23.33 -4.49 29.24
CA ILE C 75 -23.14 -5.82 28.66
C ILE C 75 -21.76 -6.40 28.92
N GLY C 76 -21.12 -5.86 29.96
CA GLY C 76 -19.85 -6.39 30.40
C GLY C 76 -20.30 -7.55 31.26
N ALA C 77 -21.09 -8.44 30.65
CA ALA C 77 -21.63 -9.62 31.32
C ALA C 77 -21.96 -10.62 30.22
N TYR C 78 -21.60 -10.28 28.99
CA TYR C 78 -21.86 -11.19 27.89
C TYR C 78 -20.60 -11.96 27.41
N GLY C 79 -20.81 -13.23 27.02
CA GLY C 79 -19.71 -14.04 26.52
C GLY C 79 -19.44 -13.80 25.03
N PHE C 80 -18.20 -14.07 24.63
CA PHE C 80 -17.80 -13.93 23.24
C PHE C 80 -18.82 -14.60 22.27
N LYS C 81 -19.11 -15.88 22.48
CA LYS C 81 -20.04 -16.63 21.65
C LYS C 81 -21.27 -15.74 21.59
N ASP C 82 -21.70 -15.30 22.77
CA ASP C 82 -22.86 -14.42 22.95
C ASP C 82 -22.78 -13.15 22.08
N ILE C 83 -21.90 -12.20 22.45
CA ILE C 83 -21.71 -10.97 21.68
C ILE C 83 -21.90 -11.31 20.18
N LEU C 84 -21.11 -12.25 19.65
CA LEU C 84 -21.28 -12.64 18.25
C LEU C 84 -22.80 -12.92 17.96
N ARG C 85 -23.46 -13.88 18.63
CA ARG C 85 -24.89 -14.09 18.37
C ARG C 85 -25.58 -12.71 18.22
N GLU C 86 -25.52 -11.84 19.24
CA GLU C 86 -26.12 -10.48 19.24
C GLU C 86 -25.58 -9.51 18.14
N ALA C 87 -24.43 -9.82 17.56
CA ALA C 87 -23.89 -8.98 16.48
C ALA C 87 -24.42 -9.47 15.15
N LEU C 88 -24.60 -10.77 15.04
CA LEU C 88 -25.09 -11.42 13.83
C LEU C 88 -26.59 -11.21 13.75
N ARG C 89 -27.18 -10.87 14.90
CA ARG C 89 -28.62 -10.59 14.97
C ARG C 89 -28.74 -9.27 14.24
N PHE C 90 -27.80 -8.37 14.50
CA PHE C 90 -27.85 -7.05 13.93
C PHE C 90 -27.07 -6.81 12.67
N GLY C 91 -26.59 -7.86 12.03
CA GLY C 91 -25.78 -7.67 10.82
C GLY C 91 -24.57 -6.76 11.01
N LEU C 92 -23.87 -6.92 12.14
CA LEU C 92 -22.66 -6.16 12.46
C LEU C 92 -21.56 -6.99 11.85
N ILE C 93 -21.87 -8.28 11.86
CA ILE C 93 -21.04 -9.38 11.40
C ILE C 93 -21.82 -10.18 10.40
N GLY C 94 -21.11 -10.81 9.49
CA GLY C 94 -21.76 -11.62 8.50
C GLY C 94 -21.84 -13.08 8.91
N ASP C 95 -20.71 -13.60 9.37
CA ASP C 95 -20.62 -15.00 9.76
C ASP C 95 -19.95 -15.11 11.13
N MSE C 96 -20.76 -15.42 12.14
CA MSE C 96 -20.24 -15.54 13.50
C MSE C 96 -19.14 -16.57 13.57
O MSE C 96 -18.08 -16.28 14.14
CB MSE C 96 -21.36 -15.84 14.51
CG MSE C 96 -21.79 -17.30 14.62
SE MSE C 96 -22.82 -17.57 16.26
CE MSE C 96 -21.49 -18.27 17.48
N SER C 97 -19.34 -17.74 12.99
CA SER C 97 -18.24 -18.72 13.06
C SER C 97 -16.95 -18.19 12.40
N LYS C 98 -17.09 -17.17 11.54
CA LYS C 98 -15.94 -16.57 10.90
C LYS C 98 -15.09 -15.99 12.00
N TRP C 99 -15.73 -15.25 12.90
CA TRP C 99 -15.03 -14.65 14.01
C TRP C 99 -14.57 -15.66 15.08
N VAL C 100 -15.35 -16.73 15.22
CA VAL C 100 -15.07 -17.80 16.17
C VAL C 100 -13.74 -18.53 15.89
N ALA C 101 -13.32 -18.56 14.62
CA ALA C 101 -12.05 -19.21 14.33
C ALA C 101 -10.98 -18.12 14.47
N TYR C 102 -11.38 -16.85 14.27
CA TYR C 102 -10.49 -15.68 14.41
C TYR C 102 -10.23 -15.67 15.90
N ARG C 103 -11.20 -16.23 16.62
CA ARG C 103 -11.12 -16.36 18.06
C ARG C 103 -10.10 -17.43 18.38
N ASP C 104 -10.24 -18.62 17.79
CA ASP C 104 -9.29 -19.69 18.07
C ASP C 104 -8.05 -19.30 17.34
N MSE C 105 -8.09 -18.10 16.77
CA MSE C 105 -6.93 -17.64 16.04
C MSE C 105 -6.09 -16.76 16.90
O MSE C 105 -4.87 -16.80 16.80
CB MSE C 105 -7.35 -16.85 14.82
CG MSE C 105 -6.42 -17.06 13.68
SE MSE C 105 -7.49 -16.89 12.16
CE MSE C 105 -7.92 -15.01 12.30
N ARG C 106 -6.75 -15.96 17.73
CA ARG C 106 -6.10 -15.07 18.67
C ARG C 106 -5.54 -15.86 19.84
N ASN C 107 -6.22 -16.91 20.24
CA ASN C 107 -5.76 -17.72 21.37
C ASN C 107 -4.56 -18.58 21.00
N ILE C 108 -4.22 -18.62 19.72
CA ILE C 108 -3.08 -19.43 19.24
C ILE C 108 -1.93 -18.64 18.53
N THR C 109 -1.99 -17.31 18.65
CA THR C 109 -0.97 -16.47 18.05
C THR C 109 0.19 -16.40 19.00
N SER C 110 -0.05 -16.90 20.23
CA SER C 110 0.94 -16.94 21.30
C SER C 110 1.99 -18.02 21.00
N HIS C 111 1.64 -18.99 20.15
CA HIS C 111 2.59 -20.07 19.77
C HIS C 111 3.12 -19.81 18.36
N THR C 112 2.94 -18.58 17.89
CA THR C 112 3.37 -18.26 16.55
C THR C 112 4.85 -18.50 16.36
N TYR C 113 5.63 -18.60 17.45
CA TYR C 113 7.09 -18.89 17.36
C TYR C 113 7.31 -20.09 16.45
N ASP C 114 6.25 -20.89 16.32
CA ASP C 114 6.22 -22.09 15.49
C ASP C 114 6.03 -21.53 14.09
N GLN C 115 7.12 -21.42 13.34
CA GLN C 115 7.01 -20.94 11.97
C GLN C 115 5.75 -21.42 11.19
N GLU C 116 5.46 -22.71 11.20
CA GLU C 116 4.31 -23.21 10.44
C GLU C 116 3.05 -22.62 11.01
N LYS C 117 2.98 -22.60 12.34
CA LYS C 117 1.83 -22.03 13.03
C LYS C 117 1.67 -20.59 12.62
N ALA C 118 2.75 -19.97 12.15
CA ALA C 118 2.66 -18.59 11.75
C ALA C 118 1.96 -18.54 10.39
N MSE C 119 2.20 -19.52 9.51
CA MSE C 119 1.57 -19.51 8.19
C MSE C 119 0.11 -19.80 8.39
O MSE C 119 -0.74 -19.23 7.71
CB MSE C 119 2.15 -20.58 7.23
CG MSE C 119 3.66 -20.53 6.96
SE MSE C 119 4.40 -18.96 5.98
CE MSE C 119 2.76 -18.18 5.15
N ALA C 120 -0.17 -20.68 9.35
CA ALA C 120 -1.53 -21.07 9.70
C ALA C 120 -2.36 -19.86 10.02
N VAL C 121 -1.94 -19.10 11.04
CA VAL C 121 -2.66 -17.90 11.41
C VAL C 121 -2.62 -16.87 10.27
N TYR C 122 -1.42 -16.61 9.77
CA TYR C 122 -1.29 -15.63 8.71
C TYR C 122 -2.19 -15.88 7.52
N ALA C 123 -2.11 -17.08 6.94
CA ALA C 123 -2.89 -17.44 5.75
C ALA C 123 -4.42 -17.22 5.83
N GLN C 124 -4.93 -16.92 7.00
CA GLN C 124 -6.34 -16.68 7.20
C GLN C 124 -6.71 -15.20 7.42
N ILE C 125 -5.73 -14.29 7.35
CA ILE C 125 -6.04 -12.87 7.57
C ILE C 125 -6.55 -12.13 6.33
N ASP C 126 -6.05 -12.48 5.14
CA ASP C 126 -6.57 -11.82 3.95
C ASP C 126 -8.09 -12.04 4.10
N ASP C 127 -8.46 -13.24 4.53
CA ASP C 127 -9.86 -13.53 4.73
C ASP C 127 -10.40 -12.73 5.89
N PHE C 128 -9.67 -12.74 7.00
CA PHE C 128 -10.16 -12.01 8.14
C PHE C 128 -10.43 -10.57 7.71
N LEU C 129 -9.64 -10.10 6.75
CA LEU C 129 -9.77 -8.73 6.25
C LEU C 129 -11.15 -8.23 5.74
N ILE C 130 -11.91 -9.10 5.09
CA ILE C 130 -13.24 -8.65 4.64
C ILE C 130 -14.27 -8.51 5.78
N GLU C 131 -14.35 -9.54 6.60
CA GLU C 131 -15.29 -9.48 7.72
C GLU C 131 -14.97 -8.23 8.55
N SER C 132 -13.68 -8.00 8.78
CA SER C 132 -13.26 -6.84 9.57
C SER C 132 -13.87 -5.61 8.90
N SER C 133 -13.41 -5.35 7.66
CA SER C 133 -13.85 -4.19 6.86
C SER C 133 -15.34 -3.96 7.07
N PHE C 134 -16.09 -5.02 6.81
CA PHE C 134 -17.51 -5.02 7.00
C PHE C 134 -17.86 -4.33 8.32
N LEU C 135 -17.55 -4.98 9.44
CA LEU C 135 -17.84 -4.43 10.75
C LEU C 135 -17.56 -2.94 10.81
N LEU C 136 -16.39 -2.55 10.32
CA LEU C 136 -16.05 -1.15 10.36
C LEU C 136 -17.15 -0.40 9.64
N GLU C 137 -17.59 -0.88 8.49
CA GLU C 137 -18.65 -0.16 7.72
C GLU C 137 -19.85 0.04 8.64
N GLN C 138 -20.48 -1.10 8.95
CA GLN C 138 -21.65 -1.21 9.83
C GLN C 138 -21.54 -0.27 11.03
N LEU C 139 -20.40 -0.34 11.71
CA LEU C 139 -20.21 0.49 12.87
C LEU C 139 -20.14 1.97 12.51
N ARG C 140 -19.48 2.25 11.39
CA ARG C 140 -19.30 3.61 10.87
C ARG C 140 -20.65 4.33 10.68
N GLN C 141 -21.58 3.63 10.04
CA GLN C 141 -22.91 4.18 9.82
C GLN C 141 -23.58 4.34 11.20
N ASN D 7 12.57 -29.26 25.27
CA ASN D 7 11.54 -28.22 25.55
C ASN D 7 12.10 -26.77 25.65
N LEU D 8 13.26 -26.64 26.28
CA LEU D 8 13.89 -25.34 26.38
C LEU D 8 14.37 -24.90 24.98
N ASN D 9 14.24 -25.81 24.01
CA ASN D 9 14.61 -25.57 22.63
C ASN D 9 13.82 -24.45 21.96
N VAL D 10 12.53 -24.43 22.27
CA VAL D 10 11.57 -23.44 21.82
C VAL D 10 12.01 -22.09 22.32
N LEU D 11 12.10 -21.95 23.65
CA LEU D 11 12.54 -20.70 24.24
C LEU D 11 13.83 -20.37 23.54
N ASP D 12 14.65 -21.37 23.31
CA ASP D 12 15.93 -21.10 22.66
C ASP D 12 15.85 -20.55 21.25
N ALA D 13 15.05 -21.17 20.40
CA ALA D 13 14.87 -20.69 19.03
C ALA D 13 14.17 -19.29 19.03
N ALA D 14 13.13 -19.15 19.84
CA ALA D 14 12.40 -17.88 19.91
C ALA D 14 13.38 -16.77 20.20
N PHE D 15 14.22 -17.00 21.20
CA PHE D 15 15.16 -15.94 21.52
C PHE D 15 16.09 -15.64 20.37
N TYR D 16 16.42 -16.66 19.58
CA TYR D 16 17.35 -16.45 18.47
C TYR D 16 16.68 -15.53 17.48
N SER D 17 15.47 -15.94 17.10
CA SER D 17 14.61 -15.22 16.17
C SER D 17 14.51 -13.75 16.59
N LEU D 18 14.31 -13.47 17.87
CA LEU D 18 14.25 -12.08 18.37
C LEU D 18 15.61 -11.47 18.14
N GLU D 19 16.63 -12.00 18.81
CA GLU D 19 17.98 -11.42 18.68
C GLU D 19 18.27 -11.11 17.20
N GLN D 20 17.98 -12.05 16.30
CA GLN D 20 18.22 -11.86 14.87
C GLN D 20 17.50 -10.68 14.25
N THR D 21 16.18 -10.60 14.50
CA THR D 21 15.32 -9.52 14.03
C THR D 21 15.83 -8.18 14.54
N VAL D 22 16.22 -8.06 15.81
CA VAL D 22 16.69 -6.75 16.27
C VAL D 22 17.96 -6.32 15.56
N VAL D 23 18.72 -7.29 15.01
CA VAL D 23 19.96 -7.01 14.29
C VAL D 23 19.65 -6.49 12.88
N GLN D 24 18.58 -7.01 12.28
CA GLN D 24 18.14 -6.58 10.95
C GLN D 24 17.78 -5.14 10.99
N ILE D 25 16.91 -4.82 11.93
CA ILE D 25 16.44 -3.48 12.12
C ILE D 25 17.68 -2.67 12.45
N SER D 26 18.65 -3.32 13.07
CA SER D 26 19.90 -2.66 13.45
C SER D 26 20.54 -2.02 12.27
N ASP D 27 20.62 -2.80 11.19
CA ASP D 27 21.23 -2.41 9.91
C ASP D 27 20.58 -1.12 9.37
N ARG D 28 20.62 -0.12 10.24
CA ARG D 28 20.08 1.25 10.06
C ARG D 28 20.08 1.74 8.60
N ASN D 29 21.00 1.21 7.81
CA ASN D 29 21.15 1.56 6.41
C ASN D 29 20.07 0.96 5.50
N TRP D 30 19.69 -0.28 5.75
CA TRP D 30 18.67 -0.94 4.94
C TRP D 30 17.28 -0.57 5.50
N PHE D 31 17.17 -0.55 6.82
CA PHE D 31 15.91 -0.21 7.50
C PHE D 31 15.42 1.15 7.07
N ASP D 32 16.28 2.15 7.18
CA ASP D 32 15.87 3.53 6.81
C ASP D 32 15.57 3.71 5.32
N MSE D 33 16.02 2.80 4.50
CA MSE D 33 15.76 2.90 3.08
C MSE D 33 14.30 2.50 2.79
O MSE D 33 13.68 3.00 1.85
CB MSE D 33 16.69 1.94 2.33
CG MSE D 33 17.77 2.53 1.45
SE MSE D 33 18.93 1.03 0.80
CE MSE D 33 20.62 1.89 1.23
N GLN D 34 13.77 1.59 3.61
CA GLN D 34 12.43 1.00 3.43
C GLN D 34 11.29 1.91 3.64
N PRO D 35 10.16 1.60 3.00
CA PRO D 35 8.88 2.30 3.04
C PRO D 35 8.34 2.15 4.43
N SER D 36 7.84 3.26 4.94
CA SER D 36 7.33 3.33 6.26
C SER D 36 6.38 2.18 6.64
N ILE D 37 5.54 1.69 5.74
CA ILE D 37 4.73 0.57 6.19
C ILE D 37 5.61 -0.67 6.49
N VAL D 38 6.75 -0.79 5.82
CA VAL D 38 7.58 -1.95 6.10
C VAL D 38 8.28 -1.87 7.45
N GLN D 39 8.83 -0.70 7.72
CA GLN D 39 9.54 -0.38 8.94
C GLN D 39 8.60 -0.55 10.10
N ASP D 40 7.43 0.04 9.99
CA ASP D 40 6.51 -0.08 11.10
C ASP D 40 6.02 -1.51 11.26
N THR D 41 6.07 -2.33 10.20
CA THR D 41 5.62 -3.72 10.34
C THR D 41 6.72 -4.53 11.04
N LEU D 42 7.98 -4.19 10.80
CA LEU D 42 9.10 -4.93 11.44
C LEU D 42 9.03 -4.70 12.92
N ILE D 43 8.95 -3.43 13.31
CA ILE D 43 8.86 -3.10 14.73
C ILE D 43 7.67 -3.82 15.36
N ALA D 44 6.52 -3.74 14.71
CA ALA D 44 5.41 -4.49 15.28
C ALA D 44 5.75 -6.03 15.40
N GLY D 45 6.53 -6.57 14.45
CA GLY D 45 6.80 -7.99 14.52
C GLY D 45 7.78 -8.22 15.70
N ALA D 46 8.73 -7.33 15.84
CA ALA D 46 9.69 -7.45 16.90
C ALA D 46 8.91 -7.43 18.21
N ILE D 47 7.92 -6.55 18.32
CA ILE D 47 7.20 -6.50 19.56
C ILE D 47 6.58 -7.82 19.77
N GLN D 48 5.92 -8.34 18.75
CA GLN D 48 5.33 -9.68 18.91
C GLN D 48 6.39 -10.67 19.43
N LYS D 49 7.53 -10.67 18.76
CA LYS D 49 8.56 -11.60 19.18
C LYS D 49 8.99 -11.39 20.61
N PHE D 50 8.97 -10.16 21.08
CA PHE D 50 9.35 -9.96 22.46
C PHE D 50 8.30 -10.60 23.36
N GLU D 51 7.03 -10.39 23.05
CA GLU D 51 6.01 -11.02 23.87
C GLU D 51 6.24 -12.52 23.96
N PHE D 52 6.64 -13.14 22.83
CA PHE D 52 6.89 -14.56 22.84
C PHE D 52 7.94 -14.87 23.84
N VAL D 53 9.09 -14.18 23.71
CA VAL D 53 10.18 -14.52 24.59
C VAL D 53 9.80 -14.29 26.04
N TYR D 54 9.10 -13.19 26.29
CA TYR D 54 8.67 -12.88 27.63
C TYR D 54 7.77 -13.94 28.26
N GLU D 55 6.68 -14.32 27.58
CA GLU D 55 5.82 -15.38 28.11
C GLU D 55 6.64 -16.66 28.37
N LEU D 56 7.48 -16.99 27.41
CA LEU D 56 8.25 -18.23 27.48
C LEU D 56 9.27 -18.19 28.60
N SER D 57 10.01 -17.08 28.68
CA SER D 57 10.99 -16.92 29.74
C SER D 57 10.30 -17.20 31.04
N LEU D 58 9.17 -16.52 31.28
CA LEU D 58 8.39 -16.64 32.53
C LEU D 58 7.87 -18.05 32.88
N LYS D 59 7.38 -18.70 31.85
CA LYS D 59 6.87 -20.04 31.99
C LYS D 59 8.00 -20.91 32.56
N MSE D 60 9.10 -21.00 31.85
CA MSE D 60 10.29 -21.77 32.24
C MSE D 60 10.83 -21.40 33.62
O MSE D 60 11.38 -22.25 34.35
CB MSE D 60 11.39 -21.56 31.20
CG MSE D 60 11.06 -22.14 29.85
SE MSE D 60 10.59 -24.03 29.87
CE MSE D 60 8.77 -23.67 29.86
N MSE D 61 10.71 -20.13 33.96
CA MSE D 61 11.12 -19.61 35.25
C MSE D 61 10.28 -20.32 36.31
O MSE D 61 10.83 -21.04 37.19
CB MSE D 61 10.83 -18.10 35.33
CG MSE D 61 11.76 -17.31 36.25
SE MSE D 61 11.24 -15.46 36.37
CE MSE D 61 11.75 -14.95 34.71
N LYS D 62 8.95 -20.14 36.22
CA LYS D 62 7.98 -20.75 37.16
C LYS D 62 8.24 -22.24 37.13
N ARG D 63 8.39 -22.80 35.95
CA ARG D 63 8.66 -24.20 35.94
C ARG D 63 9.89 -24.57 36.77
N GLN D 64 11.06 -24.03 36.42
CA GLN D 64 12.31 -24.37 37.16
C GLN D 64 12.15 -24.13 38.68
N LEU D 65 11.41 -23.10 39.11
CA LEU D 65 11.21 -22.88 40.54
C LEU D 65 10.39 -24.02 41.16
N GLN D 66 9.53 -24.63 40.36
CA GLN D 66 8.74 -25.72 40.90
C GLN D 66 9.67 -26.86 41.05
N GLN D 67 10.46 -27.13 40.01
CA GLN D 67 11.46 -28.18 40.12
C GLN D 67 12.34 -28.16 41.37
N ASP D 68 12.84 -26.99 41.78
CA ASP D 68 13.70 -26.87 42.98
C ASP D 68 12.95 -26.76 44.28
N ALA D 69 11.65 -26.55 44.19
CA ALA D 69 10.85 -26.40 45.37
C ALA D 69 10.61 -27.69 46.19
N ILE D 70 10.30 -27.45 47.46
CA ILE D 70 10.06 -28.48 48.46
C ILE D 70 8.72 -29.14 48.05
N ASN D 71 7.84 -28.34 47.45
CA ASN D 71 6.55 -28.79 46.92
C ASN D 71 6.26 -27.84 45.78
N THR D 72 5.41 -28.26 44.86
CA THR D 72 5.03 -27.44 43.71
C THR D 72 3.97 -26.39 44.06
N ASP D 73 3.20 -26.65 45.11
CA ASP D 73 2.11 -25.77 45.53
C ASP D 73 2.37 -24.31 45.77
N ASP D 74 3.07 -24.00 46.86
CA ASP D 74 3.24 -22.59 47.21
C ASP D 74 3.79 -21.60 46.15
N ILE D 75 4.51 -22.12 45.15
CA ILE D 75 5.09 -21.28 44.10
C ILE D 75 4.10 -20.94 42.99
N GLY D 76 3.34 -21.95 42.59
CA GLY D 76 2.33 -21.78 41.55
C GLY D 76 1.18 -21.05 42.20
N ALA D 77 1.36 -20.85 43.50
CA ALA D 77 0.40 -20.18 44.33
C ALA D 77 0.70 -18.69 44.42
N TYR D 78 1.88 -18.23 44.04
CA TYR D 78 1.96 -16.79 44.17
C TYR D 78 2.15 -15.96 42.92
N GLY D 79 1.83 -14.68 43.08
CA GLY D 79 1.88 -13.71 42.00
C GLY D 79 3.24 -13.45 41.45
N PHE D 80 3.23 -12.72 40.35
CA PHE D 80 4.39 -12.34 39.59
C PHE D 80 5.55 -11.90 40.45
N LYS D 81 5.34 -10.90 41.29
CA LYS D 81 6.45 -10.41 42.11
C LYS D 81 7.04 -11.47 43.01
N ASP D 82 6.21 -12.37 43.48
CA ASP D 82 6.73 -13.43 44.31
C ASP D 82 7.58 -14.40 43.55
N ILE D 83 7.24 -14.66 42.30
CA ILE D 83 8.06 -15.60 41.56
C ILE D 83 9.34 -14.91 41.21
N LEU D 84 9.22 -13.67 40.77
CA LEU D 84 10.43 -12.94 40.42
C LEU D 84 11.45 -12.97 41.55
N ARG D 85 10.93 -12.84 42.77
CA ARG D 85 11.72 -12.74 43.98
C ARG D 85 12.41 -14.02 44.22
N GLU D 86 11.65 -15.10 44.08
CA GLU D 86 12.17 -16.40 44.31
C GLU D 86 13.13 -16.75 43.23
N ALA D 87 12.98 -16.11 42.05
CA ALA D 87 13.88 -16.36 40.91
C ALA D 87 15.24 -15.68 41.21
N LEU D 88 15.13 -14.52 41.84
CA LEU D 88 16.31 -13.76 42.20
C LEU D 88 17.09 -14.63 43.13
N ARG D 89 16.45 -15.08 44.20
CA ARG D 89 17.12 -15.94 45.15
C ARG D 89 17.92 -17.12 44.53
N PHE D 90 17.24 -18.04 43.86
CA PHE D 90 17.98 -19.15 43.27
C PHE D 90 18.85 -18.70 42.09
N GLY D 91 19.10 -17.41 42.01
CA GLY D 91 19.95 -16.85 40.98
C GLY D 91 19.52 -16.92 39.53
N LEU D 92 18.24 -17.15 39.20
CA LEU D 92 17.77 -17.27 37.78
C LEU D 92 17.77 -15.98 36.97
N ILE D 93 17.42 -14.91 37.62
CA ILE D 93 17.42 -13.62 37.00
C ILE D 93 18.47 -12.70 37.71
N GLY D 94 19.04 -11.77 36.94
CA GLY D 94 20.01 -10.87 37.52
C GLY D 94 19.37 -9.75 38.32
N ASP D 95 18.56 -8.94 37.64
CA ASP D 95 17.90 -7.79 38.23
C ASP D 95 16.42 -7.97 38.16
N MSE D 96 15.76 -8.04 39.31
CA MSE D 96 14.31 -8.18 39.40
C MSE D 96 13.55 -6.93 38.93
O MSE D 96 12.41 -6.99 38.43
CB MSE D 96 13.94 -8.61 40.83
CG MSE D 96 12.75 -7.94 41.43
SE MSE D 96 12.41 -8.78 43.12
CE MSE D 96 10.42 -8.74 43.05
N SER D 97 14.20 -5.78 39.06
CA SER D 97 13.65 -4.51 38.65
C SER D 97 13.29 -4.52 37.14
N LYS D 98 14.16 -5.08 36.29
CA LYS D 98 13.90 -5.11 34.87
C LYS D 98 12.66 -5.95 34.51
N TRP D 99 12.47 -7.07 35.19
CA TRP D 99 11.34 -7.91 34.85
C TRP D 99 10.02 -7.28 35.20
N VAL D 100 9.95 -6.55 36.30
CA VAL D 100 8.70 -5.91 36.64
C VAL D 100 8.32 -5.01 35.47
N ALA D 101 9.33 -4.36 34.88
CA ALA D 101 9.16 -3.45 33.77
C ALA D 101 8.62 -4.20 32.57
N TYR D 102 9.30 -5.29 32.21
CA TYR D 102 8.89 -6.10 31.08
C TYR D 102 7.44 -6.52 31.14
N ARG D 103 6.92 -6.87 32.33
CA ARG D 103 5.50 -7.28 32.46
C ARG D 103 4.57 -6.14 32.08
N ASP D 104 4.97 -4.92 32.39
CA ASP D 104 4.15 -3.77 32.04
C ASP D 104 4.11 -3.67 30.52
N MSE D 105 5.31 -3.69 29.92
CA MSE D 105 5.51 -3.61 28.48
C MSE D 105 4.61 -4.57 27.74
O MSE D 105 4.05 -4.20 26.70
CB MSE D 105 6.95 -3.95 28.15
CG MSE D 105 7.87 -2.77 27.94
SE MSE D 105 9.68 -3.45 27.87
CE MSE D 105 10.09 -3.44 26.02
N ARG D 106 4.53 -5.80 28.25
CA ARG D 106 3.73 -6.87 27.69
C ARG D 106 2.25 -6.51 27.79
N ASN D 107 1.90 -5.85 28.88
CA ASN D 107 0.53 -5.47 29.08
C ASN D 107 0.15 -4.24 28.30
N ILE D 108 1.13 -3.53 27.78
CA ILE D 108 0.77 -2.39 26.96
C ILE D 108 1.23 -2.59 25.52
N THR D 109 1.25 -3.85 25.07
CA THR D 109 1.64 -4.19 23.69
C THR D 109 0.34 -4.50 22.94
N SER D 110 -0.76 -4.17 23.60
CA SER D 110 -2.10 -4.31 23.05
C SER D 110 -2.59 -2.84 22.98
N HIS D 111 -1.78 -2.01 22.30
CA HIS D 111 -1.98 -0.56 22.12
C HIS D 111 -0.88 -0.16 21.12
N THR D 112 0.10 -1.03 21.03
CA THR D 112 1.23 -0.84 20.14
C THR D 112 0.78 -0.54 18.71
N TYR D 113 -0.50 -0.71 18.42
CA TYR D 113 -0.96 -0.46 17.07
C TYR D 113 -0.43 0.94 16.71
N ASP D 114 -0.22 1.75 17.75
CA ASP D 114 0.30 3.12 17.60
C ASP D 114 1.75 3.05 17.07
N GLN D 115 2.15 3.94 16.16
CA GLN D 115 3.50 3.91 15.61
C GLN D 115 4.48 4.83 16.40
N GLU D 116 4.09 5.14 17.62
CA GLU D 116 4.86 6.01 18.52
C GLU D 116 5.12 5.14 19.67
N LYS D 117 4.03 4.53 20.14
CA LYS D 117 4.07 3.58 21.24
C LYS D 117 5.06 2.51 20.76
N ALA D 118 4.71 1.89 19.64
CA ALA D 118 5.56 0.86 19.11
C ALA D 118 7.03 1.19 19.41
N MSE D 119 7.44 2.45 19.20
CA MSE D 119 8.84 2.89 19.45
C MSE D 119 9.22 2.90 20.92
O MSE D 119 10.39 2.75 21.29
CB MSE D 119 9.10 4.29 18.88
CG MSE D 119 10.06 4.32 17.69
SE MSE D 119 11.54 2.98 17.63
CE MSE D 119 10.98 2.13 16.01
N ALA D 120 8.23 3.10 21.76
CA ALA D 120 8.47 3.09 23.18
C ALA D 120 9.05 1.70 23.39
N VAL D 121 8.15 0.72 23.40
CA VAL D 121 8.49 -0.70 23.57
C VAL D 121 9.73 -1.24 22.85
N TYR D 122 9.92 -0.94 21.56
CA TYR D 122 11.07 -1.50 20.85
C TYR D 122 12.34 -0.95 21.46
N ALA D 123 12.27 0.18 22.15
CA ALA D 123 13.47 0.79 22.77
C ALA D 123 14.02 -0.09 23.89
N GLN D 124 13.12 -0.69 24.65
CA GLN D 124 13.52 -1.56 25.74
C GLN D 124 13.86 -2.96 25.28
N ILE D 125 13.96 -3.19 23.98
CA ILE D 125 14.29 -4.56 23.61
C ILE D 125 15.76 -4.95 23.72
N ASP D 126 16.67 -4.00 23.60
CA ASP D 126 18.09 -4.31 23.75
C ASP D 126 18.47 -4.74 25.16
N ASP D 127 17.74 -4.21 26.15
CA ASP D 127 18.02 -4.54 27.54
C ASP D 127 17.37 -5.92 27.81
N PHE D 128 16.14 -6.08 27.35
CA PHE D 128 15.43 -7.34 27.54
C PHE D 128 16.29 -8.51 27.07
N LEU D 129 16.90 -8.36 25.93
CA LEU D 129 17.76 -9.38 25.39
C LEU D 129 18.89 -9.72 26.33
N ILE D 130 19.28 -8.78 27.21
CA ILE D 130 20.40 -9.11 28.08
C ILE D 130 19.92 -10.02 29.19
N GLU D 131 18.87 -9.60 29.87
CA GLU D 131 18.26 -10.37 30.93
C GLU D 131 17.66 -11.70 30.42
N SER D 132 16.81 -11.67 29.41
CA SER D 132 16.28 -12.96 28.99
C SER D 132 17.40 -13.89 28.60
N SER D 133 18.60 -13.36 28.33
CA SER D 133 19.74 -14.23 27.96
C SER D 133 20.29 -14.75 29.25
N PHE D 134 20.43 -13.82 30.19
CA PHE D 134 20.90 -14.20 31.50
C PHE D 134 20.10 -15.39 32.04
N LEU D 135 18.77 -15.32 31.97
CA LEU D 135 17.88 -16.39 32.44
C LEU D 135 18.09 -17.71 31.73
N LEU D 136 18.05 -17.66 30.39
CA LEU D 136 18.21 -18.81 29.48
C LEU D 136 19.47 -19.50 29.85
N GLU D 137 20.42 -18.71 30.33
CA GLU D 137 21.73 -19.22 30.73
C GLU D 137 21.58 -20.07 31.97
N GLN D 138 21.07 -19.43 33.02
CA GLN D 138 20.87 -20.12 34.25
C GLN D 138 19.98 -21.33 34.02
N LEU D 139 19.08 -21.24 33.06
CA LEU D 139 18.17 -22.37 32.83
C LEU D 139 18.82 -23.55 32.16
N ARG D 140 19.74 -23.26 31.23
CA ARG D 140 20.44 -24.29 30.48
C ARG D 140 21.30 -25.13 31.45
N GLN D 141 21.79 -24.52 32.52
CA GLN D 141 22.61 -25.25 33.46
C GLN D 141 21.94 -26.34 34.29
N ARG D 142 20.62 -26.37 34.33
CA ARG D 142 19.90 -27.46 34.98
C ARG D 142 19.16 -28.09 33.74
#